data_1QDN
#
_entry.id   1QDN
#
_cell.length_a   101.900
_cell.length_b   101.900
_cell.length_c   126.940
_cell.angle_alpha   90.00
_cell.angle_beta   90.00
_cell.angle_gamma   90.00
#
_symmetry.space_group_name_H-M   'P 41 21 2'
#
loop_
_entity.id
_entity.type
_entity.pdbx_description
1 polymer 'PROTEIN (N-ETHYLMALEIMIDE SENSITIVE FUSION PROTEIN (NSF))'
2 non-polymer 'SULFATE ION'
3 non-polymer BETA-MERCAPTOETHANOL
4 water water
#
_entity_poly.entity_id   1
_entity_poly.type   'polypeptide(L)'
_entity_poly.pdbx_seq_one_letter_code
;TMAGRSMQAARCPTDELSLSNCAVVSEKDYQSGQHVIVRTSPNHKYIFTLRTHPSVVPGSVAFSLPQRKWAGLSIGQEIE
VALYSFDKAKQCIGTMTIEIDFLQKKNIDSNPYDTDKMAAEFIQQFNNQAFSVGQQLVFSFNDKLFGLLVKDIEAMDPSI
LKGEPASGKRQKIEVGLVVGNSQVAFEKAENSSLNLIGKAKTKE
;
_entity_poly.pdbx_strand_id   A,B,C
#
loop_
_chem_comp.id
_chem_comp.type
_chem_comp.name
_chem_comp.formula
BME non-polymer BETA-MERCAPTOETHANOL 'C2 H6 O S'
SO4 non-polymer 'SULFATE ION' 'O4 S -2'
#
# COMPACT_ATOMS: atom_id res chain seq x y z
N MET A 2 -23.28 -15.74 18.63
CA MET A 2 -21.87 -15.26 18.56
C MET A 2 -21.19 -15.79 17.30
N ALA A 3 -21.74 -15.43 16.14
CA ALA A 3 -21.18 -15.87 14.87
C ALA A 3 -20.26 -14.79 14.29
N GLY A 4 -19.64 -15.08 13.16
CA GLY A 4 -18.78 -14.10 12.53
C GLY A 4 -19.59 -13.34 11.50
N ARG A 5 -18.92 -12.65 10.58
CA ARG A 5 -19.63 -11.90 9.55
C ARG A 5 -19.33 -12.54 8.19
N SER A 6 -20.29 -12.51 7.29
CA SER A 6 -20.07 -13.11 5.99
C SER A 6 -19.34 -12.11 5.09
N MET A 7 -18.26 -12.57 4.48
CA MET A 7 -17.43 -11.77 3.59
C MET A 7 -17.12 -12.58 2.34
N GLN A 8 -16.36 -12.00 1.41
CA GLN A 8 -16.02 -12.71 0.19
C GLN A 8 -14.51 -12.80 0.03
N ALA A 9 -14.03 -13.93 -0.50
CA ALA A 9 -12.61 -14.11 -0.74
C ALA A 9 -12.23 -13.31 -1.97
N ALA A 10 -11.11 -12.59 -1.89
CA ALA A 10 -10.66 -11.78 -3.00
C ALA A 10 -9.21 -12.12 -3.34
N ARG A 11 -8.74 -11.66 -4.48
CA ARG A 11 -7.36 -11.93 -4.90
C ARG A 11 -6.44 -11.05 -4.06
N CYS A 12 -5.16 -11.35 -4.11
CA CYS A 12 -4.16 -10.57 -3.38
C CYS A 12 -3.78 -9.39 -4.27
N PRO A 13 -3.81 -8.18 -3.71
CA PRO A 13 -3.47 -6.96 -4.44
C PRO A 13 -2.13 -7.01 -5.17
N THR A 14 -1.09 -7.57 -4.53
CA THR A 14 0.23 -7.63 -5.17
C THR A 14 0.99 -8.89 -4.79
N ASP A 15 2.03 -9.21 -5.56
CA ASP A 15 2.85 -10.39 -5.29
C ASP A 15 3.67 -10.21 -4.03
N GLU A 16 4.22 -9.01 -3.85
CA GLU A 16 5.03 -8.71 -2.68
C GLU A 16 4.26 -8.95 -1.39
N LEU A 17 2.97 -8.61 -1.39
CA LEU A 17 2.16 -8.83 -0.20
C LEU A 17 2.12 -10.28 0.23
N SER A 18 2.15 -11.20 -0.72
CA SER A 18 2.07 -12.61 -0.38
C SER A 18 3.22 -13.07 0.54
N LEU A 19 4.34 -12.34 0.53
CA LEU A 19 5.46 -12.70 1.38
C LEU A 19 5.09 -12.61 2.86
N SER A 20 4.04 -11.87 3.16
CA SER A 20 3.59 -11.70 4.54
C SER A 20 2.90 -12.97 5.09
N ASN A 21 2.24 -13.71 4.19
CA ASN A 21 1.48 -14.90 4.55
C ASN A 21 0.28 -14.54 5.43
N CYS A 22 -0.12 -13.26 5.40
CA CYS A 22 -1.26 -12.79 6.18
C CYS A 22 -2.49 -12.71 5.27
N ALA A 23 -3.68 -12.71 5.88
CA ALA A 23 -4.90 -12.52 5.11
C ALA A 23 -4.90 -11.00 5.10
N VAL A 24 -5.11 -10.37 3.94
CA VAL A 24 -5.09 -8.92 3.88
C VAL A 24 -6.50 -8.33 3.87
N VAL A 25 -6.70 -7.27 4.63
CA VAL A 25 -8.02 -6.69 4.76
C VAL A 25 -8.08 -5.18 4.68
N SER A 26 -9.31 -4.67 4.73
CA SER A 26 -9.55 -3.24 4.70
C SER A 26 -9.45 -2.69 6.11
N GLU A 27 -8.76 -1.56 6.27
CA GLU A 27 -8.62 -0.93 7.58
C GLU A 27 -10.01 -0.58 8.11
N LYS A 28 -11.01 -0.63 7.24
CA LYS A 28 -12.38 -0.34 7.65
C LYS A 28 -13.01 -1.51 8.40
N ASP A 29 -12.53 -2.72 8.12
CA ASP A 29 -13.08 -3.90 8.77
C ASP A 29 -12.26 -4.36 9.97
N TYR A 30 -10.93 -4.34 9.83
CA TYR A 30 -10.05 -4.80 10.91
C TYR A 30 -8.78 -3.98 11.01
N GLN A 31 -7.96 -4.32 12.01
CA GLN A 31 -6.68 -3.66 12.20
C GLN A 31 -5.60 -4.74 12.10
N SER A 32 -4.42 -4.36 11.64
CA SER A 32 -3.34 -5.31 11.49
C SER A 32 -3.00 -5.98 12.81
N GLY A 33 -2.67 -7.27 12.76
CA GLY A 33 -2.31 -7.95 13.99
C GLY A 33 -3.42 -8.76 14.59
N GLN A 34 -4.67 -8.41 14.32
CA GLN A 34 -5.76 -9.22 14.84
C GLN A 34 -5.68 -10.56 14.10
N HIS A 35 -6.28 -11.60 14.65
CA HIS A 35 -6.25 -12.91 13.99
C HIS A 35 -7.69 -13.27 13.73
N VAL A 36 -7.93 -14.01 12.66
CA VAL A 36 -9.29 -14.43 12.35
C VAL A 36 -9.37 -15.92 12.09
N ILE A 37 -10.56 -16.45 12.29
CA ILE A 37 -10.81 -17.84 11.99
C ILE A 37 -11.76 -17.74 10.82
N VAL A 38 -11.36 -18.29 9.67
CA VAL A 38 -12.17 -18.27 8.47
C VAL A 38 -12.88 -19.60 8.29
N ARG A 39 -14.19 -19.57 8.46
CA ARG A 39 -15.02 -20.75 8.28
C ARG A 39 -15.36 -20.82 6.81
N THR A 40 -14.80 -21.81 6.13
CA THR A 40 -15.04 -21.98 4.70
C THR A 40 -16.23 -22.89 4.50
N SER A 41 -16.51 -23.72 5.51
CA SER A 41 -17.62 -24.66 5.48
C SER A 41 -17.95 -25.01 6.93
N PRO A 42 -19.07 -25.73 7.16
CA PRO A 42 -19.46 -26.11 8.52
C PRO A 42 -18.50 -26.99 9.31
N ASN A 43 -17.58 -27.69 8.64
CA ASN A 43 -16.64 -28.54 9.37
C ASN A 43 -15.18 -28.06 9.29
N HIS A 44 -14.96 -26.94 8.62
CA HIS A 44 -13.60 -26.42 8.48
C HIS A 44 -13.46 -24.94 8.80
N LYS A 45 -12.51 -24.64 9.67
CA LYS A 45 -12.21 -23.28 10.08
C LYS A 45 -10.71 -23.11 9.98
N TYR A 46 -10.29 -22.06 9.27
CA TYR A 46 -8.87 -21.78 9.10
C TYR A 46 -8.45 -20.52 9.82
N ILE A 47 -7.23 -20.50 10.30
CA ILE A 47 -6.76 -19.35 11.05
C ILE A 47 -5.70 -18.53 10.35
N PHE A 48 -5.99 -17.24 10.22
CA PHE A 48 -5.06 -16.31 9.57
C PHE A 48 -4.76 -15.10 10.46
N THR A 49 -3.63 -14.47 10.21
CA THR A 49 -3.26 -13.26 10.92
C THR A 49 -3.47 -12.16 9.88
N LEU A 50 -4.02 -11.04 10.30
CA LEU A 50 -4.36 -9.95 9.39
C LEU A 50 -3.34 -8.84 9.19
N ARG A 51 -3.44 -8.20 8.05
CA ARG A 51 -2.61 -7.06 7.70
C ARG A 51 -3.47 -6.23 6.75
N THR A 52 -3.58 -4.93 7.01
CA THR A 52 -4.38 -4.06 6.18
C THR A 52 -3.62 -3.59 4.96
N HIS A 53 -4.37 -3.22 3.93
CA HIS A 53 -3.82 -2.68 2.69
C HIS A 53 -4.93 -1.85 2.10
N PRO A 54 -4.62 -0.64 1.59
CA PRO A 54 -5.58 0.28 1.00
C PRO A 54 -6.44 -0.29 -0.13
N SER A 55 -5.85 -1.16 -0.95
CA SER A 55 -6.58 -1.71 -2.09
C SER A 55 -7.62 -2.80 -1.82
N VAL A 56 -7.67 -3.33 -0.61
CA VAL A 56 -8.65 -4.38 -0.32
C VAL A 56 -10.03 -3.78 -0.17
N VAL A 57 -10.97 -4.31 -0.95
CA VAL A 57 -12.35 -3.86 -0.96
C VAL A 57 -13.01 -4.18 0.39
N PRO A 58 -13.64 -3.17 1.03
CA PRO A 58 -14.28 -3.43 2.32
C PRO A 58 -15.27 -4.59 2.14
N GLY A 59 -15.33 -5.48 3.12
CA GLY A 59 -16.24 -6.62 3.01
C GLY A 59 -15.59 -7.83 2.39
N SER A 60 -14.34 -7.69 1.97
CA SER A 60 -13.63 -8.81 1.38
C SER A 60 -12.34 -9.07 2.13
N VAL A 61 -11.76 -10.25 1.92
CA VAL A 61 -10.51 -10.63 2.54
C VAL A 61 -9.64 -11.14 1.40
N ALA A 62 -8.46 -10.56 1.23
CA ALA A 62 -7.57 -10.95 0.14
C ALA A 62 -6.64 -12.10 0.53
N PHE A 63 -6.52 -13.07 -0.37
CA PHE A 63 -5.66 -14.24 -0.15
C PHE A 63 -4.80 -14.51 -1.38
N SER A 64 -3.59 -15.02 -1.16
CA SER A 64 -2.70 -15.36 -2.28
C SER A 64 -3.17 -16.70 -2.81
N LEU A 65 -2.62 -17.13 -3.94
CA LEU A 65 -3.01 -18.42 -4.53
C LEU A 65 -2.72 -19.56 -3.54
N PRO A 66 -1.49 -19.60 -3.00
CA PRO A 66 -1.18 -20.67 -2.05
C PRO A 66 -2.20 -20.74 -0.91
N GLN A 67 -2.63 -19.60 -0.41
CA GLN A 67 -3.61 -19.60 0.67
C GLN A 67 -4.97 -20.11 0.18
N ARG A 68 -5.37 -19.68 -1.02
CA ARG A 68 -6.66 -20.12 -1.55
C ARG A 68 -6.66 -21.63 -1.77
N LYS A 69 -5.56 -22.17 -2.26
CA LYS A 69 -5.43 -23.62 -2.48
C LYS A 69 -5.57 -24.37 -1.16
N TRP A 70 -4.77 -23.96 -0.18
CA TRP A 70 -4.77 -24.61 1.12
C TRP A 70 -6.12 -24.62 1.84
N ALA A 71 -6.85 -23.52 1.80
CA ALA A 71 -8.14 -23.44 2.47
C ALA A 71 -9.33 -23.76 1.58
N GLY A 72 -9.07 -24.19 0.34
CA GLY A 72 -10.13 -24.52 -0.58
C GLY A 72 -11.08 -23.40 -0.95
N LEU A 73 -10.52 -22.20 -1.10
CA LEU A 73 -11.35 -21.05 -1.43
C LEU A 73 -11.21 -20.71 -2.90
N SER A 74 -12.27 -20.14 -3.46
CA SER A 74 -12.24 -19.67 -4.83
C SER A 74 -12.63 -18.19 -4.74
N ILE A 75 -12.18 -17.41 -5.71
CA ILE A 75 -12.48 -15.99 -5.71
C ILE A 75 -13.98 -15.74 -5.70
N GLY A 76 -14.41 -14.78 -4.88
CA GLY A 76 -15.80 -14.42 -4.77
C GLY A 76 -16.58 -15.27 -3.79
N GLN A 77 -15.98 -16.37 -3.34
CA GLN A 77 -16.64 -17.28 -2.42
C GLN A 77 -17.04 -16.64 -1.09
N GLU A 78 -18.22 -17.00 -0.58
CA GLU A 78 -18.66 -16.47 0.68
C GLU A 78 -17.97 -17.22 1.80
N ILE A 79 -17.54 -16.49 2.81
CA ILE A 79 -16.86 -17.08 3.95
C ILE A 79 -17.37 -16.39 5.20
N GLU A 80 -17.32 -17.10 6.32
CA GLU A 80 -17.73 -16.52 7.58
C GLU A 80 -16.43 -16.20 8.31
N VAL A 81 -16.28 -14.96 8.71
CA VAL A 81 -15.06 -14.54 9.38
C VAL A 81 -15.31 -14.02 10.79
N ALA A 82 -14.54 -14.53 11.74
CA ALA A 82 -14.68 -14.09 13.13
C ALA A 82 -13.30 -13.88 13.73
N LEU A 83 -13.19 -12.90 14.63
CA LEU A 83 -11.92 -12.65 15.29
C LEU A 83 -11.54 -13.87 16.09
N TYR A 84 -10.26 -14.22 16.06
CA TYR A 84 -9.77 -15.38 16.80
C TYR A 84 -8.76 -14.87 17.82
N SER A 85 -8.85 -15.38 19.04
CA SER A 85 -7.97 -14.93 20.10
C SER A 85 -7.04 -16.00 20.65
N PHE A 86 -5.75 -15.72 20.63
CA PHE A 86 -4.77 -16.64 21.20
C PHE A 86 -4.64 -16.21 22.64
N ASP A 87 -5.02 -17.08 23.58
CA ASP A 87 -4.94 -16.70 24.98
C ASP A 87 -4.62 -17.85 25.92
N LYS A 88 -4.03 -18.92 25.39
CA LYS A 88 -3.66 -20.07 26.21
C LYS A 88 -2.24 -20.50 25.88
N ALA A 89 -1.46 -20.76 26.92
CA ALA A 89 -0.07 -21.19 26.79
C ALA A 89 0.15 -22.27 25.73
N LYS A 90 -0.74 -23.24 25.69
CA LYS A 90 -0.66 -24.36 24.74
C LYS A 90 -0.66 -23.91 23.29
N GLN A 91 -1.14 -22.70 23.03
CA GLN A 91 -1.21 -22.18 21.66
C GLN A 91 0.10 -21.59 21.16
N CYS A 92 1.03 -21.28 22.05
CA CYS A 92 2.30 -20.72 21.62
C CYS A 92 3.15 -21.82 21.01
N ILE A 93 3.79 -21.53 19.88
CA ILE A 93 4.64 -22.51 19.23
C ILE A 93 5.96 -22.72 19.98
N GLY A 94 6.26 -23.98 20.29
CA GLY A 94 7.51 -24.31 20.95
C GLY A 94 8.50 -24.65 19.85
N THR A 95 8.14 -25.66 19.06
CA THR A 95 8.96 -26.09 17.93
C THR A 95 8.05 -26.27 16.73
N MET A 96 8.63 -26.15 15.54
CA MET A 96 7.87 -26.30 14.30
C MET A 96 8.84 -26.80 13.23
N THR A 97 8.42 -27.82 12.48
CA THR A 97 9.25 -28.37 11.42
C THR A 97 8.71 -27.90 10.07
N ILE A 98 9.59 -27.36 9.24
CA ILE A 98 9.18 -26.86 7.93
C ILE A 98 9.91 -27.50 6.75
N GLU A 99 9.15 -27.92 5.75
CA GLU A 99 9.73 -28.50 4.55
C GLU A 99 9.95 -27.34 3.58
N ILE A 100 11.19 -27.17 3.12
CA ILE A 100 11.51 -26.06 2.22
C ILE A 100 11.95 -26.52 0.83
N ASP A 101 11.68 -25.67 -0.16
CA ASP A 101 12.04 -25.94 -1.56
C ASP A 101 11.93 -24.66 -2.38
N PHE A 102 12.62 -24.58 -3.51
CA PHE A 102 12.56 -23.38 -4.34
C PHE A 102 11.11 -23.15 -4.76
N LEU A 103 10.68 -21.90 -4.73
CA LEU A 103 9.30 -21.60 -5.11
C LEU A 103 9.01 -21.98 -6.56
N GLN A 104 9.98 -21.74 -7.44
CA GLN A 104 9.83 -22.05 -8.86
C GLN A 104 11.04 -22.79 -9.41
N LYS A 105 10.79 -23.68 -10.37
CA LYS A 105 11.85 -24.46 -11.00
C LYS A 105 12.93 -23.55 -11.59
N LYS A 106 12.50 -22.59 -12.39
CA LYS A 106 13.40 -21.65 -13.06
C LYS A 106 14.38 -20.99 -12.10
N ASN A 107 14.05 -20.96 -10.81
CA ASN A 107 14.92 -20.33 -9.82
C ASN A 107 15.87 -21.30 -9.10
N ILE A 108 15.93 -22.54 -9.56
CA ILE A 108 16.80 -23.51 -8.93
C ILE A 108 18.28 -23.12 -9.05
N ASP A 109 19.06 -23.48 -8.03
CA ASP A 109 20.48 -23.19 -8.02
C ASP A 109 21.18 -24.09 -7.00
N SER A 110 22.49 -23.92 -6.86
CA SER A 110 23.23 -24.76 -5.92
C SER A 110 23.87 -23.97 -4.78
N ASN A 111 23.43 -22.75 -4.59
CA ASN A 111 23.97 -21.92 -3.53
C ASN A 111 23.58 -22.48 -2.18
N PRO A 112 24.40 -22.25 -1.16
CA PRO A 112 24.10 -22.76 0.18
C PRO A 112 23.27 -21.76 0.96
N TYR A 113 22.18 -22.23 1.56
CA TYR A 113 21.35 -21.35 2.37
C TYR A 113 21.40 -21.85 3.80
N ASP A 114 21.81 -20.96 4.71
CA ASP A 114 21.96 -21.29 6.12
C ASP A 114 20.65 -21.37 6.90
N THR A 115 20.31 -22.58 7.35
CA THR A 115 19.09 -22.82 8.10
C THR A 115 18.97 -21.99 9.38
N ASP A 116 20.07 -21.85 10.13
CA ASP A 116 20.05 -21.06 11.37
C ASP A 116 19.72 -19.61 11.05
N LYS A 117 20.24 -19.14 9.92
CA LYS A 117 20.01 -17.77 9.49
C LYS A 117 18.54 -17.65 9.05
N MET A 118 18.08 -18.66 8.32
CA MET A 118 16.70 -18.69 7.83
C MET A 118 15.72 -18.73 8.99
N ALA A 119 16.02 -19.56 9.98
CA ALA A 119 15.16 -19.70 11.14
C ALA A 119 15.01 -18.36 11.87
N ALA A 120 16.12 -17.65 12.03
CA ALA A 120 16.11 -16.36 12.72
C ALA A 120 15.27 -15.34 11.97
N GLU A 121 15.44 -15.28 10.65
CA GLU A 121 14.69 -14.31 9.85
C GLU A 121 13.22 -14.72 9.81
N PHE A 122 12.96 -16.03 9.80
CA PHE A 122 11.59 -16.53 9.78
C PHE A 122 10.88 -16.00 11.04
N ILE A 123 11.50 -16.22 12.20
CA ILE A 123 10.95 -15.77 13.47
C ILE A 123 10.80 -14.25 13.47
N GLN A 124 11.76 -13.56 12.85
CA GLN A 124 11.74 -12.11 12.76
C GLN A 124 10.50 -11.58 12.04
N GLN A 125 10.33 -11.98 10.78
CA GLN A 125 9.20 -11.48 10.02
C GLN A 125 7.84 -12.07 10.37
N PHE A 126 7.80 -13.26 10.93
CA PHE A 126 6.52 -13.89 11.26
C PHE A 126 6.15 -13.90 12.74
N ASN A 127 6.89 -13.16 13.55
CA ASN A 127 6.59 -13.11 14.97
C ASN A 127 5.15 -12.66 15.18
N ASN A 128 4.45 -13.35 16.08
CA ASN A 128 3.06 -13.04 16.38
C ASN A 128 2.08 -13.34 15.24
N GLN A 129 2.46 -14.28 14.37
CA GLN A 129 1.57 -14.67 13.29
C GLN A 129 1.18 -16.13 13.52
N ALA A 130 0.00 -16.51 13.05
CA ALA A 130 -0.49 -17.85 13.25
C ALA A 130 -0.16 -18.79 12.09
N PHE A 131 0.27 -20.02 12.44
CA PHE A 131 0.58 -21.04 11.46
C PHE A 131 -0.09 -22.36 11.83
N SER A 132 -0.41 -23.15 10.82
CA SER A 132 -1.07 -24.44 11.02
C SER A 132 -0.37 -25.56 10.27
N VAL A 133 -0.43 -26.76 10.82
CA VAL A 133 0.17 -27.92 10.19
C VAL A 133 -0.41 -28.07 8.78
N GLY A 134 0.44 -28.23 7.79
CA GLY A 134 -0.03 -28.39 6.42
C GLY A 134 -0.12 -27.10 5.62
N GLN A 135 0.00 -25.96 6.29
CA GLN A 135 -0.07 -24.67 5.62
C GLN A 135 1.14 -24.47 4.68
N GLN A 136 0.91 -23.92 3.50
CA GLN A 136 1.96 -23.67 2.51
C GLN A 136 2.21 -22.17 2.45
N LEU A 137 3.46 -21.76 2.59
CA LEU A 137 3.83 -20.34 2.60
C LEU A 137 4.88 -19.99 1.57
N VAL A 138 5.06 -18.68 1.37
CA VAL A 138 6.07 -18.16 0.45
C VAL A 138 7.07 -17.50 1.39
N PHE A 139 8.36 -17.82 1.24
CA PHE A 139 9.39 -17.27 2.10
C PHE A 139 10.50 -16.60 1.30
N SER A 140 10.70 -15.31 1.55
CA SER A 140 11.75 -14.55 0.86
C SER A 140 13.02 -14.56 1.70
N PHE A 141 14.08 -15.12 1.13
CA PHE A 141 15.36 -15.20 1.84
C PHE A 141 16.50 -14.94 0.87
N ASN A 142 17.39 -14.03 1.24
CA ASN A 142 18.54 -13.65 0.42
C ASN A 142 18.12 -13.37 -1.00
N ASP A 143 17.05 -12.60 -1.16
CA ASP A 143 16.58 -12.25 -2.49
C ASP A 143 16.16 -13.45 -3.33
N LYS A 144 15.79 -14.55 -2.66
CA LYS A 144 15.31 -15.76 -3.34
C LYS A 144 13.99 -16.18 -2.70
N LEU A 145 13.08 -16.71 -3.51
CA LEU A 145 11.79 -17.15 -3.02
C LEU A 145 11.73 -18.66 -2.81
N PHE A 146 11.27 -19.06 -1.63
CA PHE A 146 11.15 -20.47 -1.29
C PHE A 146 9.73 -20.85 -0.93
N GLY A 147 9.38 -22.10 -1.17
CA GLY A 147 8.06 -22.59 -0.83
C GLY A 147 8.21 -23.32 0.49
N LEU A 148 7.31 -23.08 1.43
CA LEU A 148 7.39 -23.74 2.72
C LEU A 148 6.13 -24.54 3.03
N LEU A 149 6.30 -25.69 3.68
CA LEU A 149 5.17 -26.52 4.08
C LEU A 149 5.37 -26.82 5.54
N VAL A 150 4.41 -26.40 6.38
CA VAL A 150 4.49 -26.66 7.81
C VAL A 150 4.24 -28.14 8.04
N LYS A 151 5.27 -28.84 8.50
CA LYS A 151 5.20 -30.28 8.73
C LYS A 151 4.70 -30.68 10.11
N ASP A 152 5.12 -29.94 11.13
CA ASP A 152 4.73 -30.25 12.50
C ASP A 152 4.85 -29.03 13.41
N ILE A 153 4.06 -29.03 14.49
CA ILE A 153 4.08 -27.93 15.44
C ILE A 153 3.87 -28.47 16.85
N GLU A 154 4.71 -28.05 17.79
CA GLU A 154 4.57 -28.48 19.17
C GLU A 154 4.61 -27.33 20.14
N ALA A 155 3.83 -27.44 21.20
CA ALA A 155 3.77 -26.43 22.24
C ALA A 155 4.84 -26.73 23.27
N MET A 156 5.04 -25.78 24.18
CA MET A 156 6.03 -25.92 25.24
C MET A 156 5.45 -26.78 26.34
N ASP A 157 6.19 -27.79 26.75
CA ASP A 157 5.74 -28.69 27.81
C ASP A 157 5.93 -27.96 29.14
N PRO A 158 4.84 -27.78 29.91
CA PRO A 158 4.88 -27.09 31.21
C PRO A 158 6.02 -27.57 32.13
N GLN A 171 1.72 -31.25 23.72
CA GLN A 171 2.82 -31.40 22.77
C GLN A 171 2.42 -31.01 21.36
N LYS A 172 1.84 -31.94 20.61
CA LYS A 172 1.44 -31.68 19.22
C LYS A 172 0.23 -30.76 19.18
N ILE A 173 0.28 -29.75 18.32
CA ILE A 173 -0.84 -28.82 18.16
C ILE A 173 -1.09 -28.59 16.68
N GLU A 174 -2.32 -28.27 16.33
CA GLU A 174 -2.69 -28.06 14.93
C GLU A 174 -2.39 -26.65 14.43
N VAL A 175 -2.52 -25.67 15.31
CA VAL A 175 -2.25 -24.29 14.94
C VAL A 175 -1.59 -23.59 16.12
N GLY A 176 -0.70 -22.66 15.83
CA GLY A 176 -0.04 -21.96 16.92
C GLY A 176 0.47 -20.59 16.53
N LEU A 177 0.87 -19.83 17.54
CA LEU A 177 1.39 -18.48 17.36
C LEU A 177 2.91 -18.51 17.45
N VAL A 178 3.57 -17.91 16.47
CA VAL A 178 5.01 -17.83 16.51
C VAL A 178 5.38 -16.77 17.54
N VAL A 179 6.31 -17.09 18.43
CA VAL A 179 6.77 -16.13 19.42
C VAL A 179 8.30 -16.05 19.36
N GLY A 180 8.87 -15.11 20.08
CA GLY A 180 10.31 -14.89 20.06
C GLY A 180 11.21 -16.09 20.27
N ASN A 181 10.79 -17.07 21.07
CA ASN A 181 11.63 -18.23 21.32
C ASN A 181 11.19 -19.50 20.59
N SER A 182 10.30 -19.35 19.61
CA SER A 182 9.85 -20.51 18.83
C SER A 182 11.03 -21.03 18.03
N GLN A 183 11.18 -22.35 17.98
CA GLN A 183 12.27 -22.93 17.23
C GLN A 183 11.78 -23.49 15.91
N VAL A 184 12.50 -23.19 14.84
CA VAL A 184 12.13 -23.67 13.53
C VAL A 184 13.21 -24.58 12.96
N ALA A 185 12.80 -25.77 12.54
CA ALA A 185 13.74 -26.72 11.94
C ALA A 185 13.32 -26.93 10.50
N PHE A 186 14.26 -26.86 9.58
CA PHE A 186 13.96 -27.05 8.17
C PHE A 186 14.45 -28.39 7.66
N GLU A 187 13.98 -28.78 6.49
CA GLU A 187 14.36 -30.01 5.83
C GLU A 187 13.91 -29.81 4.40
N LYS A 188 14.71 -30.24 3.43
CA LYS A 188 14.33 -30.03 2.05
C LYS A 188 13.35 -31.06 1.54
N ALA A 189 12.56 -30.67 0.55
CA ALA A 189 11.57 -31.57 -0.03
C ALA A 189 12.30 -32.69 -0.76
N GLU A 190 11.66 -33.84 -0.90
CA GLU A 190 12.29 -34.95 -1.60
C GLU A 190 12.72 -34.52 -3.00
N ASN A 191 13.92 -34.92 -3.39
CA ASN A 191 14.46 -34.60 -4.71
C ASN A 191 14.81 -33.13 -4.85
N SER A 192 14.69 -32.36 -3.77
CA SER A 192 15.02 -30.95 -3.87
C SER A 192 16.51 -30.83 -4.06
N SER A 193 16.93 -30.03 -5.05
CA SER A 193 18.35 -29.84 -5.30
C SER A 193 18.84 -28.71 -4.38
N LEU A 194 17.97 -28.32 -3.45
CA LEU A 194 18.28 -27.26 -2.50
C LEU A 194 19.50 -27.62 -1.66
N ASN A 195 20.41 -26.66 -1.53
CA ASN A 195 21.65 -26.85 -0.76
C ASN A 195 21.53 -26.19 0.61
N LEU A 196 21.11 -26.95 1.61
CA LEU A 196 20.92 -26.42 2.96
C LEU A 196 22.07 -26.66 3.92
N ILE A 197 22.54 -25.59 4.55
CA ILE A 197 23.61 -25.68 5.54
C ILE A 197 23.10 -25.09 6.85
N GLY A 198 23.91 -25.17 7.91
CA GLY A 198 23.48 -24.64 9.20
C GLY A 198 23.03 -25.76 10.09
N LYS A 199 22.78 -25.45 11.37
CA LYS A 199 22.36 -26.45 12.34
C LYS A 199 20.85 -26.51 12.57
N ALA A 200 20.11 -25.55 12.02
CA ALA A 200 18.66 -25.51 12.19
C ALA A 200 17.98 -26.47 11.23
N LYS A 201 18.45 -27.71 11.23
CA LYS A 201 17.89 -28.72 10.35
C LYS A 201 17.20 -29.82 11.14
N THR A 202 16.57 -30.73 10.40
CA THR A 202 15.85 -31.85 11.00
C THR A 202 16.83 -32.97 11.36
N MET B 2 -12.65 31.53 3.32
CA MET B 2 -11.84 30.34 3.75
C MET B 2 -12.07 29.13 2.85
N ALA B 3 -11.50 29.20 1.65
CA ALA B 3 -11.64 28.12 0.67
C ALA B 3 -10.77 26.91 1.01
N GLY B 4 -10.58 26.03 0.03
CA GLY B 4 -9.77 24.83 0.24
C GLY B 4 -8.32 25.07 -0.15
N ARG B 5 -7.47 24.08 0.09
CA ARG B 5 -6.06 24.22 -0.25
C ARG B 5 -5.80 23.86 -1.70
N SER B 6 -4.68 24.34 -2.21
CA SER B 6 -4.30 24.08 -3.59
C SER B 6 -3.49 22.80 -3.67
N MET B 7 -3.95 21.88 -4.49
CA MET B 7 -3.25 20.61 -4.65
C MET B 7 -3.15 20.27 -6.13
N GLN B 8 -2.52 19.15 -6.43
CA GLN B 8 -2.34 18.74 -7.80
C GLN B 8 -2.92 17.35 -8.04
N ALA B 9 -3.57 17.18 -9.19
CA ALA B 9 -4.16 15.90 -9.53
C ALA B 9 -3.02 14.98 -9.94
N ALA B 10 -3.01 13.76 -9.42
CA ALA B 10 -1.97 12.80 -9.76
C ALA B 10 -2.62 11.53 -10.28
N ARG B 11 -1.83 10.65 -10.89
CA ARG B 11 -2.39 9.42 -11.41
C ARG B 11 -2.47 8.38 -10.29
N CYS B 12 -3.37 7.42 -10.43
CA CYS B 12 -3.59 6.40 -9.42
C CYS B 12 -2.40 5.45 -9.32
N PRO B 13 -1.90 5.22 -8.10
CA PRO B 13 -0.76 4.32 -7.86
C PRO B 13 -0.92 2.92 -8.47
N THR B 14 -2.10 2.33 -8.38
CA THR B 14 -2.31 0.98 -8.91
C THR B 14 -3.73 0.79 -9.47
N ASP B 15 -3.91 -0.25 -10.28
CA ASP B 15 -5.22 -0.56 -10.86
C ASP B 15 -6.19 -1.08 -9.80
N GLU B 16 -5.67 -1.90 -8.88
CA GLU B 16 -6.51 -2.46 -7.83
C GLU B 16 -7.16 -1.35 -7.01
N LEU B 17 -6.40 -0.29 -6.72
CA LEU B 17 -6.90 0.84 -5.95
C LEU B 17 -8.14 1.47 -6.56
N SER B 18 -8.21 1.51 -7.89
CA SER B 18 -9.35 2.13 -8.54
C SER B 18 -10.67 1.49 -8.17
N LEU B 19 -10.64 0.23 -7.74
CA LEU B 19 -11.87 -0.47 -7.34
C LEU B 19 -12.54 0.21 -6.17
N SER B 20 -11.76 0.99 -5.42
CA SER B 20 -12.28 1.70 -4.25
C SER B 20 -13.18 2.86 -4.63
N ASN B 21 -12.87 3.47 -5.77
CA ASN B 21 -13.59 4.65 -6.26
C ASN B 21 -13.42 5.81 -5.28
N CYS B 22 -12.32 5.82 -4.56
CA CYS B 22 -12.02 6.90 -3.61
C CYS B 22 -10.92 7.75 -4.21
N ALA B 23 -10.82 9.01 -3.77
CA ALA B 23 -9.74 9.86 -4.21
C ALA B 23 -8.68 9.39 -3.23
N VAL B 24 -7.49 9.06 -3.69
CA VAL B 24 -6.47 8.58 -2.80
C VAL B 24 -5.49 9.67 -2.40
N VAL B 25 -5.12 9.70 -1.11
CA VAL B 25 -4.25 10.75 -0.61
C VAL B 25 -3.15 10.29 0.31
N SER B 26 -2.32 11.26 0.71
CA SER B 26 -1.21 11.03 1.61
C SER B 26 -1.70 11.13 3.05
N GLU B 27 -1.23 10.23 3.91
CA GLU B 27 -1.63 10.26 5.30
C GLU B 27 -1.14 11.53 5.95
N LYS B 28 -0.25 12.25 5.28
CA LYS B 28 0.25 13.51 5.80
C LYS B 28 -0.77 14.62 5.60
N ASP B 29 -1.66 14.47 4.62
CA ASP B 29 -2.67 15.50 4.35
C ASP B 29 -4.05 15.19 4.94
N TYR B 30 -4.48 13.93 4.81
CA TYR B 30 -5.80 13.56 5.31
C TYR B 30 -5.84 12.16 5.91
N GLN B 31 -7.00 11.78 6.42
CA GLN B 31 -7.20 10.45 6.97
C GLN B 31 -8.31 9.79 6.17
N SER B 32 -8.26 8.48 6.04
CA SER B 32 -9.26 7.76 5.28
C SER B 32 -10.64 8.01 5.85
N GLY B 33 -11.65 8.07 4.98
CA GLY B 33 -12.99 8.28 5.47
C GLY B 33 -13.47 9.72 5.39
N GLN B 34 -12.54 10.67 5.45
CA GLN B 34 -12.96 12.06 5.32
C GLN B 34 -13.45 12.21 3.88
N HIS B 35 -14.26 13.24 3.62
CA HIS B 35 -14.78 13.47 2.29
C HIS B 35 -14.28 14.84 1.89
N VAL B 36 -14.06 15.03 0.59
CA VAL B 36 -13.62 16.33 0.11
C VAL B 36 -14.42 16.79 -1.08
N ILE B 37 -14.45 18.11 -1.24
CA ILE B 37 -15.11 18.69 -2.37
C ILE B 37 -13.94 19.23 -3.19
N VAL B 38 -13.82 18.76 -4.43
CA VAL B 38 -12.76 19.18 -5.33
C VAL B 38 -13.28 20.18 -6.35
N ARG B 39 -12.81 21.41 -6.26
CA ARG B 39 -13.22 22.46 -7.19
C ARG B 39 -12.25 22.51 -8.35
N THR B 40 -12.74 22.23 -9.55
CA THR B 40 -11.90 22.25 -10.73
C THR B 40 -12.10 23.54 -11.52
N SER B 41 -13.18 24.25 -11.24
CA SER B 41 -13.48 25.50 -11.93
C SER B 41 -14.71 26.14 -11.31
N PRO B 42 -15.16 27.26 -11.87
CA PRO B 42 -16.36 27.91 -11.31
C PRO B 42 -17.60 27.14 -11.72
N ASN B 43 -17.43 26.14 -12.58
CA ASN B 43 -18.56 25.36 -13.04
C ASN B 43 -18.67 23.97 -12.43
N HIS B 44 -17.67 23.55 -11.67
CA HIS B 44 -17.72 22.22 -11.07
C HIS B 44 -17.08 22.07 -9.69
N LYS B 45 -17.74 21.29 -8.84
CA LYS B 45 -17.27 20.96 -7.50
C LYS B 45 -17.63 19.48 -7.41
N TYR B 46 -16.63 18.61 -7.44
CA TYR B 46 -16.88 17.18 -7.37
C TYR B 46 -16.57 16.68 -5.97
N ILE B 47 -17.43 15.79 -5.47
CA ILE B 47 -17.25 15.26 -4.13
C ILE B 47 -16.70 13.85 -4.13
N PHE B 48 -15.61 13.66 -3.40
CA PHE B 48 -14.95 12.36 -3.30
C PHE B 48 -14.77 11.93 -1.85
N THR B 49 -14.64 10.62 -1.64
CA THR B 49 -14.40 10.09 -0.32
C THR B 49 -12.96 9.65 -0.38
N LEU B 50 -12.19 9.94 0.66
CA LEU B 50 -10.77 9.63 0.69
C LEU B 50 -10.31 8.31 1.24
N ARG B 51 -9.13 7.90 0.78
CA ARG B 51 -8.48 6.70 1.25
C ARG B 51 -6.98 6.96 1.08
N THR B 52 -6.21 6.72 2.14
CA THR B 52 -4.78 6.94 2.10
C THR B 52 -4.03 5.77 1.46
N HIS B 53 -2.85 6.08 0.96
CA HIS B 53 -1.97 5.09 0.36
C HIS B 53 -0.58 5.69 0.48
N PRO B 54 0.41 4.88 0.85
CA PRO B 54 1.80 5.30 1.03
C PRO B 54 2.46 5.99 -0.17
N SER B 55 2.11 5.55 -1.38
CA SER B 55 2.72 6.10 -2.58
C SER B 55 2.25 7.46 -3.06
N VAL B 56 1.17 7.99 -2.50
CA VAL B 56 0.68 9.28 -2.93
C VAL B 56 1.58 10.41 -2.43
N VAL B 57 2.07 11.21 -3.36
CA VAL B 57 2.94 12.34 -3.05
C VAL B 57 2.18 13.38 -2.22
N PRO B 58 2.74 13.78 -1.06
CA PRO B 58 2.05 14.78 -0.23
C PRO B 58 1.77 16.01 -1.11
N GLY B 59 0.57 16.59 -0.95
CA GLY B 59 0.24 17.75 -1.75
C GLY B 59 -0.50 17.40 -3.01
N SER B 60 -0.65 16.11 -3.27
CA SER B 60 -1.36 15.68 -4.46
C SER B 60 -2.53 14.76 -4.08
N VAL B 61 -3.45 14.58 -5.02
CA VAL B 61 -4.60 13.70 -4.85
C VAL B 61 -4.59 12.78 -6.06
N ALA B 62 -4.61 11.48 -5.81
CA ALA B 62 -4.58 10.51 -6.90
C ALA B 62 -5.97 10.11 -7.37
N PHE B 63 -6.16 10.10 -8.70
CA PHE B 63 -7.44 9.74 -9.30
C PHE B 63 -7.23 8.69 -10.37
N SER B 64 -8.16 7.76 -10.48
CA SER B 64 -8.08 6.72 -11.50
C SER B 64 -8.56 7.33 -12.82
N LEU B 65 -8.49 6.57 -13.90
CA LEU B 65 -8.91 7.04 -15.22
C LEU B 65 -10.39 7.45 -15.24
N PRO B 66 -11.29 6.57 -14.75
CA PRO B 66 -12.71 6.88 -14.74
C PRO B 66 -13.04 8.20 -14.04
N GLN B 67 -12.42 8.42 -12.89
CA GLN B 67 -12.61 9.63 -12.11
C GLN B 67 -12.10 10.85 -12.86
N ARG B 68 -10.97 10.71 -13.54
CA ARG B 68 -10.41 11.83 -14.29
C ARG B 68 -11.30 12.23 -15.43
N LYS B 69 -11.90 11.23 -16.07
CA LYS B 69 -12.81 11.47 -17.18
C LYS B 69 -14.04 12.16 -16.60
N TRP B 70 -14.64 11.53 -15.58
CA TRP B 70 -15.83 12.10 -14.97
C TRP B 70 -15.59 13.52 -14.51
N ALA B 71 -14.49 13.74 -13.79
CA ALA B 71 -14.18 15.06 -13.26
C ALA B 71 -13.46 15.99 -14.22
N GLY B 72 -13.24 15.55 -15.45
CA GLY B 72 -12.56 16.39 -16.42
C GLY B 72 -11.21 16.85 -15.88
N LEU B 73 -10.45 15.91 -15.34
CA LEU B 73 -9.14 16.21 -14.76
C LEU B 73 -8.02 15.71 -15.64
N SER B 74 -6.87 16.38 -15.54
CA SER B 74 -5.70 15.96 -16.29
C SER B 74 -4.52 15.96 -15.31
N ILE B 75 -3.63 15.00 -15.46
CA ILE B 75 -2.47 14.86 -14.61
C ILE B 75 -1.66 16.14 -14.53
N GLY B 76 -1.37 16.57 -13.31
CA GLY B 76 -0.58 17.78 -13.10
C GLY B 76 -1.42 18.99 -12.76
N GLN B 77 -2.69 18.93 -13.17
CA GLN B 77 -3.64 20.00 -12.95
C GLN B 77 -3.73 20.46 -11.51
N GLU B 78 -3.79 21.77 -11.30
CA GLU B 78 -3.93 22.30 -9.96
C GLU B 78 -5.41 22.34 -9.61
N ILE B 79 -5.76 21.78 -8.46
CA ILE B 79 -7.14 21.75 -8.01
C ILE B 79 -7.26 22.35 -6.61
N GLU B 80 -8.45 22.79 -6.26
CA GLU B 80 -8.68 23.36 -4.93
C GLU B 80 -9.47 22.30 -4.15
N VAL B 81 -8.97 21.92 -2.98
CA VAL B 81 -9.58 20.88 -2.16
C VAL B 81 -9.97 21.32 -0.75
N ALA B 82 -11.20 21.01 -0.36
CA ALA B 82 -11.68 21.35 0.98
C ALA B 82 -12.45 20.16 1.57
N LEU B 83 -12.36 20.00 2.88
CA LEU B 83 -13.08 18.92 3.54
C LEU B 83 -14.56 19.15 3.34
N TYR B 84 -15.30 18.08 3.08
CA TYR B 84 -16.74 18.19 2.89
C TYR B 84 -17.41 17.37 3.98
N SER B 85 -18.46 17.92 4.56
CA SER B 85 -19.16 17.23 5.63
C SER B 85 -20.60 16.86 5.33
N PHE B 86 -20.93 15.59 5.49
CA PHE B 86 -22.30 15.14 5.29
C PHE B 86 -22.92 15.25 6.67
N ASP B 87 -23.92 16.10 6.82
CA ASP B 87 -24.53 16.25 8.13
C ASP B 87 -26.02 16.58 8.10
N LYS B 88 -26.67 16.26 6.99
CA LYS B 88 -28.10 16.49 6.86
C LYS B 88 -28.78 15.26 6.30
N ALA B 89 -29.91 14.89 6.90
CA ALA B 89 -30.68 13.72 6.49
C ALA B 89 -30.88 13.60 4.99
N LYS B 90 -31.15 14.72 4.33
CA LYS B 90 -31.40 14.76 2.89
C LYS B 90 -30.22 14.23 2.07
N GLN B 91 -29.04 14.24 2.66
CA GLN B 91 -27.83 13.79 1.96
C GLN B 91 -27.67 12.26 1.93
N CYS B 92 -28.36 11.55 2.81
CA CYS B 92 -28.24 10.09 2.82
C CYS B 92 -28.99 9.52 1.64
N ILE B 93 -28.37 8.58 0.95
CA ILE B 93 -29.00 7.96 -0.21
C ILE B 93 -30.13 7.00 0.18
N GLY B 94 -31.30 7.21 -0.39
CA GLY B 94 -32.44 6.35 -0.14
C GLY B 94 -32.43 5.28 -1.22
N THR B 95 -32.46 5.72 -2.47
CA THR B 95 -32.43 4.83 -3.62
C THR B 95 -31.46 5.41 -4.63
N MET B 96 -30.92 4.54 -5.47
CA MET B 96 -29.96 4.96 -6.48
C MET B 96 -30.03 3.98 -7.64
N THR B 97 -30.14 4.49 -8.86
CA THR B 97 -30.21 3.65 -10.05
C THR B 97 -28.86 3.66 -10.76
N ILE B 98 -28.34 2.49 -11.06
CA ILE B 98 -27.04 2.36 -11.71
C ILE B 98 -27.07 1.60 -13.03
N GLU B 99 -26.43 2.17 -14.05
CA GLU B 99 -26.35 1.51 -15.34
C GLU B 99 -25.07 0.70 -15.32
N ILE B 100 -25.18 -0.60 -15.59
CA ILE B 100 -24.02 -1.48 -15.56
C ILE B 100 -23.70 -2.13 -16.90
N ASP B 101 -22.45 -2.56 -17.05
CA ASP B 101 -21.99 -3.24 -18.27
C ASP B 101 -20.58 -3.73 -18.03
N PHE B 102 -20.15 -4.75 -18.78
CA PHE B 102 -18.80 -5.26 -18.60
C PHE B 102 -17.81 -4.13 -18.86
N LEU B 103 -16.75 -4.08 -18.05
CA LEU B 103 -15.75 -3.04 -18.20
C LEU B 103 -15.06 -3.20 -19.54
N GLN B 104 -14.43 -4.34 -19.73
CA GLN B 104 -13.73 -4.64 -20.97
C GLN B 104 -14.73 -5.21 -21.98
N LYS B 105 -15.16 -4.35 -22.89
CA LYS B 105 -16.13 -4.72 -23.93
C LYS B 105 -15.72 -6.01 -24.61
N LYS B 106 -14.48 -6.42 -24.37
CA LYS B 106 -13.93 -7.64 -24.94
C LYS B 106 -14.46 -8.85 -24.17
N ASN B 107 -14.16 -8.91 -22.87
CA ASN B 107 -14.61 -10.00 -22.01
C ASN B 107 -16.10 -9.83 -21.73
N ILE B 108 -16.91 -10.75 -22.26
CA ILE B 108 -18.35 -10.69 -22.06
C ILE B 108 -18.98 -12.08 -22.00
N ASP B 109 -19.41 -12.49 -20.81
CA ASP B 109 -20.03 -13.80 -20.66
C ASP B 109 -21.55 -13.69 -20.63
N SER B 110 -22.21 -14.73 -21.15
CA SER B 110 -23.66 -14.77 -21.22
C SER B 110 -24.29 -15.27 -19.91
N ASN B 111 -23.45 -15.56 -18.92
CA ASN B 111 -23.92 -16.04 -17.62
C ASN B 111 -24.85 -15.01 -16.99
N PRO B 112 -25.83 -15.47 -16.20
CA PRO B 112 -26.76 -14.54 -15.55
C PRO B 112 -26.18 -14.05 -14.23
N TYR B 113 -26.28 -12.75 -13.98
CA TYR B 113 -25.76 -12.18 -12.74
C TYR B 113 -26.90 -11.76 -11.81
N ASP B 114 -26.80 -12.17 -10.55
CA ASP B 114 -27.81 -11.85 -9.55
C ASP B 114 -27.60 -10.43 -9.03
N THR B 115 -28.47 -9.52 -9.47
CA THR B 115 -28.38 -8.13 -9.07
C THR B 115 -28.48 -7.94 -7.56
N ASP B 116 -29.40 -8.67 -6.93
CA ASP B 116 -29.59 -8.58 -5.49
C ASP B 116 -28.27 -8.83 -4.78
N LYS B 117 -27.48 -9.74 -5.35
CA LYS B 117 -26.18 -10.07 -4.79
C LYS B 117 -25.24 -8.89 -5.02
N MET B 118 -25.30 -8.33 -6.22
CA MET B 118 -24.45 -7.19 -6.58
C MET B 118 -24.79 -5.98 -5.71
N ALA B 119 -26.07 -5.74 -5.51
CA ALA B 119 -26.51 -4.61 -4.70
C ALA B 119 -25.97 -4.72 -3.28
N ALA B 120 -26.02 -5.92 -2.73
CA ALA B 120 -25.56 -6.16 -1.36
C ALA B 120 -24.06 -5.92 -1.24
N GLU B 121 -23.30 -6.41 -2.21
CA GLU B 121 -21.85 -6.23 -2.17
C GLU B 121 -21.51 -4.78 -2.43
N PHE B 122 -22.28 -4.12 -3.30
CA PHE B 122 -22.06 -2.72 -3.62
C PHE B 122 -22.16 -1.93 -2.31
N ILE B 123 -23.26 -2.12 -1.59
CA ILE B 123 -23.49 -1.46 -0.31
C ILE B 123 -22.39 -1.80 0.69
N GLN B 124 -21.94 -3.04 0.65
CA GLN B 124 -20.87 -3.50 1.53
C GLN B 124 -19.57 -2.73 1.33
N GLN B 125 -19.02 -2.79 0.13
CA GLN B 125 -17.75 -2.10 -0.09
C GLN B 125 -17.81 -0.58 -0.18
N PHE B 126 -18.96 -0.02 -0.54
CA PHE B 126 -19.07 1.43 -0.66
C PHE B 126 -19.81 2.14 0.45
N ASN B 127 -20.10 1.43 1.54
CA ASN B 127 -20.79 2.04 2.66
C ASN B 127 -20.01 3.27 3.14
N ASN B 128 -20.73 4.36 3.38
CA ASN B 128 -20.12 5.60 3.85
C ASN B 128 -19.25 6.31 2.82
N GLN B 129 -19.51 6.05 1.54
CA GLN B 129 -18.77 6.72 0.47
C GLN B 129 -19.77 7.61 -0.28
N ALA B 130 -19.26 8.68 -0.89
CA ALA B 130 -20.10 9.61 -1.61
C ALA B 130 -20.21 9.30 -3.10
N PHE B 131 -21.44 9.40 -3.62
CA PHE B 131 -21.69 9.19 -5.05
C PHE B 131 -22.52 10.34 -5.61
N SER B 132 -22.31 10.64 -6.89
CA SER B 132 -23.04 11.70 -7.55
C SER B 132 -23.65 11.22 -8.87
N VAL B 133 -24.79 11.79 -9.22
CA VAL B 133 -25.46 11.45 -10.47
C VAL B 133 -24.48 11.70 -11.61
N GLY B 134 -24.32 10.71 -12.49
CA GLY B 134 -23.41 10.88 -13.61
C GLY B 134 -22.02 10.31 -13.40
N GLN B 135 -21.70 10.02 -12.14
CA GLN B 135 -20.38 9.49 -11.81
C GLN B 135 -20.14 8.11 -12.39
N GLN B 136 -18.91 7.88 -12.85
CA GLN B 136 -18.52 6.61 -13.45
C GLN B 136 -17.67 5.85 -12.46
N LEU B 137 -17.92 4.56 -12.32
CA LEU B 137 -17.14 3.76 -11.38
C LEU B 137 -16.73 2.43 -11.96
N VAL B 138 -15.80 1.79 -11.27
CA VAL B 138 -15.30 0.47 -11.65
C VAL B 138 -15.84 -0.42 -10.52
N PHE B 139 -16.47 -1.53 -10.88
CA PHE B 139 -17.04 -2.42 -9.88
C PHE B 139 -16.57 -3.86 -10.06
N SER B 140 -15.91 -4.39 -9.04
CA SER B 140 -15.42 -5.76 -9.11
C SER B 140 -16.45 -6.70 -8.49
N PHE B 141 -16.92 -7.64 -9.31
CA PHE B 141 -17.92 -8.59 -8.84
C PHE B 141 -17.63 -9.97 -9.43
N ASN B 142 -17.63 -10.99 -8.57
CA ASN B 142 -17.35 -12.36 -8.99
C ASN B 142 -16.11 -12.47 -9.87
N ASP B 143 -15.06 -11.75 -9.49
CA ASP B 143 -13.80 -11.77 -10.23
C ASP B 143 -13.95 -11.20 -11.65
N LYS B 144 -14.94 -10.33 -11.84
CA LYS B 144 -15.17 -9.68 -13.13
C LYS B 144 -15.30 -8.18 -12.90
N LEU B 145 -14.80 -7.39 -13.84
CA LEU B 145 -14.87 -5.94 -13.73
C LEU B 145 -16.02 -5.36 -14.55
N PHE B 146 -16.80 -4.50 -13.91
CA PHE B 146 -17.92 -3.86 -14.58
C PHE B 146 -17.83 -2.34 -14.52
N GLY B 147 -18.41 -1.68 -15.52
CA GLY B 147 -18.42 -0.23 -15.55
C GLY B 147 -19.77 0.21 -15.04
N LEU B 148 -19.79 1.20 -14.16
CA LEU B 148 -21.07 1.67 -13.62
C LEU B 148 -21.26 3.14 -13.86
N LEU B 149 -22.51 3.53 -14.11
CA LEU B 149 -22.86 4.92 -14.32
C LEU B 149 -24.03 5.21 -13.40
N VAL B 150 -23.85 6.15 -12.50
CA VAL B 150 -24.92 6.52 -11.58
C VAL B 150 -25.97 7.31 -12.36
N LYS B 151 -27.14 6.69 -12.56
CA LYS B 151 -28.21 7.33 -13.31
C LYS B 151 -29.13 8.23 -12.49
N ASP B 152 -29.39 7.86 -11.23
CA ASP B 152 -30.28 8.65 -10.37
C ASP B 152 -30.04 8.39 -8.88
N ILE B 153 -30.37 9.37 -8.04
CA ILE B 153 -30.20 9.24 -6.60
C ILE B 153 -31.34 9.97 -5.88
N GLU B 154 -31.95 9.30 -4.91
CA GLU B 154 -33.03 9.91 -4.15
C GLU B 154 -32.85 9.75 -2.65
N ALA B 155 -33.25 10.78 -1.90
CA ALA B 155 -33.15 10.76 -0.45
C ALA B 155 -34.41 10.12 0.11
N MET B 156 -34.39 9.79 1.40
CA MET B 156 -35.54 9.17 2.05
C MET B 156 -36.60 10.23 2.36
N ASP B 157 -37.82 9.99 1.92
CA ASP B 157 -38.92 10.93 2.15
C ASP B 157 -39.33 10.91 3.63
N PRO B 158 -39.08 12.01 4.36
CA PRO B 158 -39.41 12.13 5.79
C PRO B 158 -40.78 11.55 6.15
N GLN B 171 -36.48 14.54 -2.43
CA GLN B 171 -36.48 13.36 -3.28
C GLN B 171 -35.19 13.23 -4.09
N LYS B 172 -35.16 13.87 -5.25
CA LYS B 172 -33.98 13.81 -6.11
C LYS B 172 -32.82 14.61 -5.52
N ILE B 173 -31.64 14.01 -5.51
CA ILE B 173 -30.46 14.69 -5.01
C ILE B 173 -29.30 14.50 -5.98
N GLU B 174 -28.37 15.45 -5.95
CA GLU B 174 -27.22 15.46 -6.83
C GLU B 174 -26.13 14.49 -6.37
N VAL B 175 -25.84 14.54 -5.08
CA VAL B 175 -24.83 13.72 -4.47
C VAL B 175 -25.34 13.19 -3.14
N GLY B 176 -24.88 12.01 -2.75
CA GLY B 176 -25.33 11.46 -1.49
C GLY B 176 -24.36 10.46 -0.90
N LEU B 177 -24.61 10.11 0.36
CA LEU B 177 -23.77 9.15 1.07
C LEU B 177 -24.46 7.79 1.06
N VAL B 178 -23.72 6.74 0.74
CA VAL B 178 -24.30 5.41 0.77
C VAL B 178 -24.34 4.98 2.23
N VAL B 179 -25.49 4.46 2.68
CA VAL B 179 -25.62 3.98 4.04
C VAL B 179 -26.17 2.55 4.02
N GLY B 180 -26.17 1.92 5.19
CA GLY B 180 -26.63 0.54 5.29
C GLY B 180 -27.94 0.15 4.63
N ASN B 181 -28.90 1.07 4.61
CA ASN B 181 -30.19 0.74 4.00
C ASN B 181 -30.44 1.36 2.63
N SER B 182 -29.38 1.88 1.99
CA SER B 182 -29.53 2.46 0.66
C SER B 182 -29.90 1.34 -0.31
N GLN B 183 -30.87 1.61 -1.19
CA GLN B 183 -31.33 0.62 -2.17
C GLN B 183 -30.72 0.89 -3.53
N VAL B 184 -30.07 -0.11 -4.12
CA VAL B 184 -29.46 0.05 -5.42
C VAL B 184 -30.17 -0.78 -6.48
N ALA B 185 -30.57 -0.14 -7.56
CA ALA B 185 -31.24 -0.83 -8.65
C ALA B 185 -30.35 -0.73 -9.88
N PHE B 186 -30.12 -1.87 -10.54
CA PHE B 186 -29.27 -1.89 -11.73
C PHE B 186 -30.09 -2.04 -12.99
N GLU B 187 -29.41 -1.80 -14.11
CA GLU B 187 -30.00 -1.92 -15.43
C GLU B 187 -28.83 -1.90 -16.40
N LYS B 188 -28.81 -2.82 -17.35
CA LYS B 188 -27.71 -2.87 -18.30
C LYS B 188 -27.74 -1.70 -19.29
N ALA B 189 -26.59 -1.42 -19.87
CA ALA B 189 -26.48 -0.34 -20.84
C ALA B 189 -27.09 -0.84 -22.14
N GLU B 190 -27.53 0.08 -22.99
CA GLU B 190 -28.14 -0.30 -24.26
C GLU B 190 -27.18 -1.18 -25.04
N ASN B 191 -27.73 -2.25 -25.62
CA ASN B 191 -26.95 -3.21 -26.42
C ASN B 191 -26.04 -4.08 -25.56
N SER B 192 -26.28 -4.07 -24.25
CA SER B 192 -25.46 -4.85 -23.33
C SER B 192 -25.78 -6.33 -23.41
N SER B 193 -24.72 -7.13 -23.47
CA SER B 193 -24.83 -8.58 -23.52
C SER B 193 -24.80 -9.10 -22.09
N LEU B 194 -25.25 -8.27 -21.15
CA LEU B 194 -25.27 -8.62 -19.74
C LEU B 194 -26.66 -9.09 -19.33
N ASN B 195 -26.75 -10.33 -18.86
CA ASN B 195 -28.03 -10.89 -18.43
C ASN B 195 -28.19 -10.73 -16.92
N LEU B 196 -28.99 -9.75 -16.53
CA LEU B 196 -29.22 -9.49 -15.12
C LEU B 196 -30.48 -10.17 -14.62
N ILE B 197 -30.37 -10.81 -13.46
CA ILE B 197 -31.51 -11.48 -12.84
C ILE B 197 -31.64 -10.92 -11.42
N GLY B 198 -32.73 -11.26 -10.74
CA GLY B 198 -32.92 -10.77 -9.39
C GLY B 198 -33.92 -9.65 -9.33
N LYS B 199 -34.17 -9.13 -8.13
CA LYS B 199 -35.13 -8.04 -7.93
C LYS B 199 -34.47 -6.67 -7.82
N ALA B 200 -33.14 -6.63 -7.81
CA ALA B 200 -32.42 -5.35 -7.72
C ALA B 200 -32.17 -4.81 -9.11
N LYS B 201 -33.20 -4.90 -9.95
CA LYS B 201 -33.12 -4.44 -11.32
C LYS B 201 -34.20 -3.36 -11.51
N THR B 202 -33.88 -2.35 -12.31
CA THR B 202 -34.81 -1.25 -12.55
C THR B 202 -36.18 -1.74 -13.01
N THR C 1 21.84 -2.62 23.43
CA THR C 1 21.02 -1.95 24.47
C THR C 1 20.79 -0.47 24.18
N MET C 2 21.82 0.23 23.71
CA MET C 2 21.71 1.65 23.37
C MET C 2 21.93 1.80 21.88
N ALA C 3 22.87 1.01 21.35
CA ALA C 3 23.15 1.04 19.92
C ALA C 3 21.84 0.72 19.20
N GLY C 4 21.84 0.87 17.87
CA GLY C 4 20.63 0.61 17.11
C GLY C 4 20.12 -0.83 17.16
N ARG C 5 19.36 -1.18 16.14
CA ARG C 5 18.77 -2.51 16.00
C ARG C 5 19.27 -3.13 14.70
N SER C 6 19.46 -4.44 14.68
CA SER C 6 19.95 -5.10 13.48
C SER C 6 18.80 -5.46 12.52
N MET C 7 18.93 -5.02 11.28
CA MET C 7 17.91 -5.28 10.28
C MET C 7 18.58 -5.60 8.94
N GLN C 8 17.76 -5.91 7.94
CA GLN C 8 18.24 -6.23 6.61
C GLN C 8 17.75 -5.25 5.53
N ALA C 9 18.63 -4.90 4.61
CA ALA C 9 18.25 -4.00 3.52
C ALA C 9 17.43 -4.82 2.52
N ALA C 10 16.28 -4.28 2.12
CA ALA C 10 15.42 -4.97 1.16
C ALA C 10 15.14 -4.09 -0.05
N ARG C 11 14.54 -4.68 -1.08
CA ARG C 11 14.20 -3.96 -2.30
C ARG C 11 12.99 -3.09 -2.06
N CYS C 12 12.81 -2.07 -2.90
CA CYS C 12 11.65 -1.21 -2.77
C CYS C 12 10.46 -1.92 -3.39
N PRO C 13 9.34 -2.01 -2.65
CA PRO C 13 8.12 -2.66 -3.14
C PRO C 13 7.63 -2.19 -4.51
N THR C 14 7.68 -0.89 -4.77
CA THR C 14 7.21 -0.36 -6.05
C THR C 14 8.02 0.83 -6.52
N ASP C 15 7.93 1.16 -7.81
CA ASP C 15 8.65 2.30 -8.38
C ASP C 15 8.09 3.61 -7.87
N GLU C 16 6.76 3.66 -7.77
CA GLU C 16 6.06 4.85 -7.31
C GLU C 16 6.60 5.27 -5.94
N LEU C 17 6.77 4.30 -5.05
CA LEU C 17 7.27 4.57 -3.72
C LEU C 17 8.59 5.32 -3.71
N SER C 18 9.47 5.04 -4.67
CA SER C 18 10.77 5.69 -4.70
C SER C 18 10.66 7.22 -4.80
N LEU C 19 9.53 7.71 -5.30
CA LEU C 19 9.37 9.16 -5.42
C LEU C 19 9.36 9.84 -4.05
N SER C 20 9.09 9.07 -3.00
CA SER C 20 9.06 9.59 -1.63
C SER C 20 10.46 9.88 -1.10
N ASN C 21 11.43 9.10 -1.55
CA ASN C 21 12.82 9.19 -1.12
C ASN C 21 12.96 8.81 0.35
N CYS C 22 11.95 8.12 0.88
CA CYS C 22 11.98 7.70 2.28
C CYS C 22 12.46 6.26 2.36
N ALA C 23 12.93 5.85 3.52
CA ALA C 23 13.32 4.46 3.73
C ALA C 23 11.94 3.91 4.09
N VAL C 24 11.53 2.82 3.46
CA VAL C 24 10.20 2.29 3.75
C VAL C 24 10.25 1.13 4.72
N VAL C 25 9.34 1.13 5.68
CA VAL C 25 9.35 0.11 6.71
C VAL C 25 7.99 -0.50 7.03
N SER C 26 8.03 -1.47 7.94
CA SER C 26 6.82 -2.17 8.39
C SER C 26 6.20 -1.38 9.55
N GLU C 27 4.88 -1.25 9.55
CA GLU C 27 4.22 -0.52 10.63
C GLU C 27 4.42 -1.26 11.95
N LYS C 28 5.01 -2.44 11.87
CA LYS C 28 5.28 -3.25 13.04
C LYS C 28 6.58 -2.80 13.73
N ASP C 29 7.47 -2.20 12.95
CA ASP C 29 8.73 -1.73 13.49
C ASP C 29 8.74 -0.22 13.77
N TYR C 30 8.18 0.57 12.87
CA TYR C 30 8.16 2.02 13.05
C TYR C 30 6.88 2.68 12.56
N GLN C 31 6.81 3.99 12.75
CA GLN C 31 5.66 4.77 12.29
C GLN C 31 6.21 5.80 11.31
N SER C 32 5.41 6.18 10.32
CA SER C 32 5.83 7.15 9.33
C SER C 32 6.23 8.46 9.97
N GLY C 33 7.25 9.13 9.43
CA GLY C 33 7.65 10.40 10.00
C GLY C 33 8.85 10.30 10.92
N GLN C 34 9.04 9.15 11.57
CA GLN C 34 10.22 9.01 12.42
C GLN C 34 11.43 9.06 11.48
N HIS C 35 12.60 9.37 12.03
CA HIS C 35 13.79 9.41 11.21
C HIS C 35 14.74 8.39 11.79
N VAL C 36 15.58 7.80 10.95
CA VAL C 36 16.53 6.82 11.44
C VAL C 36 17.92 7.07 10.92
N ILE C 37 18.90 6.60 11.67
CA ILE C 37 20.28 6.70 11.25
C ILE C 37 20.65 5.26 10.95
N VAL C 38 21.07 5.01 9.70
CA VAL C 38 21.43 3.68 9.26
C VAL C 38 22.93 3.51 9.17
N ARG C 39 23.48 2.62 10.00
CA ARG C 39 24.91 2.39 9.96
C ARG C 39 25.25 1.19 9.10
N THR C 40 26.13 1.41 8.13
CA THR C 40 26.57 0.36 7.22
C THR C 40 27.89 -0.23 7.72
N SER C 41 28.63 0.58 8.48
CA SER C 41 29.92 0.19 9.03
C SER C 41 30.55 1.44 9.63
N PRO C 42 31.66 1.28 10.36
CA PRO C 42 32.31 2.46 10.94
C PRO C 42 32.58 3.48 9.85
N ASN C 43 32.56 4.76 10.23
CA ASN C 43 32.81 5.84 9.30
C ASN C 43 31.72 5.99 8.22
N HIS C 44 30.65 5.21 8.31
CA HIS C 44 29.59 5.30 7.32
C HIS C 44 28.18 5.16 7.88
N LYS C 45 27.50 6.30 7.99
CA LYS C 45 26.14 6.36 8.50
C LYS C 45 25.30 7.21 7.57
N TYR C 46 24.05 6.83 7.37
CA TYR C 46 23.15 7.56 6.50
C TYR C 46 21.78 7.76 7.18
N ILE C 47 21.30 9.00 7.13
CA ILE C 47 20.03 9.38 7.74
C ILE C 47 18.87 9.38 6.76
N PHE C 48 17.82 8.65 7.12
CA PHE C 48 16.61 8.54 6.30
C PHE C 48 15.36 8.88 7.08
N THR C 49 14.32 9.28 6.36
CA THR C 49 13.03 9.57 6.97
C THR C 49 12.17 8.39 6.55
N LEU C 50 11.39 7.86 7.50
CA LEU C 50 10.56 6.68 7.27
C LEU C 50 9.14 6.88 6.76
N ARG C 51 8.65 5.85 6.09
CA ARG C 51 7.29 5.79 5.60
C ARG C 51 6.93 4.30 5.60
N THR C 52 5.80 3.96 6.19
CA THR C 52 5.36 2.57 6.24
C THR C 52 4.67 2.15 4.95
N HIS C 53 4.70 0.84 4.70
CA HIS C 53 4.04 0.25 3.54
C HIS C 53 3.77 -1.18 3.97
N PRO C 54 2.58 -1.71 3.65
CA PRO C 54 2.17 -3.08 4.01
C PRO C 54 3.09 -4.20 3.53
N SER C 55 3.69 -4.04 2.35
CA SER C 55 4.53 -5.09 1.80
C SER C 55 5.93 -5.25 2.37
N VAL C 56 6.39 -4.32 3.20
CA VAL C 56 7.73 -4.43 3.76
C VAL C 56 7.78 -5.50 4.84
N VAL C 57 8.69 -6.44 4.67
CA VAL C 57 8.88 -7.54 5.61
C VAL C 57 9.35 -7.01 6.97
N PRO C 58 8.68 -7.39 8.05
CA PRO C 58 9.11 -6.91 9.37
C PRO C 58 10.58 -7.29 9.57
N GLY C 59 11.36 -6.38 10.13
CA GLY C 59 12.77 -6.67 10.34
C GLY C 59 13.64 -6.20 9.20
N SER C 60 13.01 -5.67 8.15
CA SER C 60 13.75 -5.18 7.01
C SER C 60 13.39 -3.71 6.73
N VAL C 61 14.26 -3.06 5.96
CA VAL C 61 14.07 -1.66 5.56
C VAL C 61 14.21 -1.64 4.04
N ALA C 62 13.19 -1.16 3.35
CA ALA C 62 13.23 -1.11 1.89
C ALA C 62 13.86 0.17 1.34
N PHE C 63 14.76 0.02 0.36
CA PHE C 63 15.44 1.15 -0.26
C PHE C 63 15.35 1.01 -1.78
N SER C 64 15.27 2.13 -2.51
CA SER C 64 15.24 2.03 -3.97
C SER C 64 16.69 1.90 -4.45
N LEU C 65 16.91 1.52 -5.70
CA LEU C 65 18.27 1.37 -6.21
C LEU C 65 19.16 2.58 -5.89
N PRO C 66 18.68 3.79 -6.22
CA PRO C 66 19.44 5.03 -5.97
C PRO C 66 19.80 5.25 -4.50
N GLN C 67 18.94 4.80 -3.60
CA GLN C 67 19.24 4.95 -2.18
C GLN C 67 20.33 3.94 -1.88
N ARG C 68 20.17 2.72 -2.39
CA ARG C 68 21.17 1.68 -2.15
C ARG C 68 22.54 2.07 -2.70
N LYS C 69 22.55 2.74 -3.85
CA LYS C 69 23.82 3.17 -4.43
C LYS C 69 24.49 4.19 -3.51
N TRP C 70 23.74 5.22 -3.13
CA TRP C 70 24.25 6.27 -2.25
C TRP C 70 24.79 5.73 -0.93
N ALA C 71 24.01 4.88 -0.26
CA ALA C 71 24.43 4.34 1.02
C ALA C 71 25.33 3.12 0.85
N GLY C 72 25.68 2.83 -0.41
CA GLY C 72 26.52 1.69 -0.69
C GLY C 72 25.99 0.40 -0.08
N LEU C 73 24.68 0.19 -0.22
CA LEU C 73 24.07 -1.02 0.32
C LEU C 73 23.83 -2.01 -0.79
N SER C 74 23.63 -3.27 -0.40
CA SER C 74 23.34 -4.34 -1.34
C SER C 74 22.19 -5.09 -0.69
N ILE C 75 21.30 -5.64 -1.51
CA ILE C 75 20.16 -6.36 -0.97
C ILE C 75 20.58 -7.43 0.03
N GLY C 76 19.81 -7.59 1.09
CA GLY C 76 20.12 -8.59 2.11
C GLY C 76 21.16 -8.14 3.11
N GLN C 77 21.90 -7.09 2.77
CA GLN C 77 22.93 -6.55 3.65
C GLN C 77 22.40 -6.27 5.04
N GLU C 78 23.15 -6.68 6.06
CA GLU C 78 22.71 -6.42 7.42
C GLU C 78 23.10 -5.01 7.76
N ILE C 79 22.21 -4.31 8.46
CA ILE C 79 22.45 -2.92 8.82
C ILE C 79 22.03 -2.67 10.25
N GLU C 80 22.56 -1.60 10.84
CA GLU C 80 22.22 -1.23 12.20
C GLU C 80 21.35 0.01 12.10
N VAL C 81 20.14 -0.08 12.65
CA VAL C 81 19.19 1.03 12.59
C VAL C 81 18.77 1.58 13.95
N ALA C 82 18.87 2.89 14.09
CA ALA C 82 18.46 3.53 15.34
C ALA C 82 17.65 4.79 15.02
N LEU C 83 16.68 5.11 15.87
CA LEU C 83 15.87 6.30 15.67
C LEU C 83 16.80 7.49 15.76
N TYR C 84 16.58 8.47 14.90
CA TYR C 84 17.38 9.69 14.89
C TYR C 84 16.45 10.86 15.17
N SER C 85 16.88 11.76 16.05
CA SER C 85 16.05 12.89 16.42
C SER C 85 16.61 14.24 16.01
N PHE C 86 15.80 15.03 15.31
CA PHE C 86 16.20 16.38 14.92
C PHE C 86 15.67 17.26 16.04
N ASP C 87 16.55 17.90 16.79
CA ASP C 87 16.10 18.74 17.89
C ASP C 87 16.97 19.95 18.15
N LYS C 88 17.72 20.38 17.15
CA LYS C 88 18.57 21.56 17.29
C LYS C 88 18.38 22.45 16.08
N ALA C 89 18.25 23.75 16.33
CA ALA C 89 18.06 24.73 15.28
C ALA C 89 19.01 24.57 14.10
N LYS C 90 20.28 24.29 14.39
CA LYS C 90 21.31 24.12 13.36
C LYS C 90 20.98 23.05 12.33
N GLN C 91 20.11 22.11 12.72
CA GLN C 91 19.73 21.02 11.84
C GLN C 91 18.67 21.37 10.80
N CYS C 92 17.96 22.48 10.99
CA CYS C 92 16.94 22.86 10.02
C CYS C 92 17.63 23.43 8.79
N ILE C 93 17.16 23.04 7.62
CA ILE C 93 17.73 23.53 6.37
C ILE C 93 17.33 24.97 6.08
N GLY C 94 18.33 25.82 5.85
CA GLY C 94 18.06 27.22 5.52
C GLY C 94 18.05 27.29 4.01
N THR C 95 19.15 26.87 3.40
CA THR C 95 19.26 26.85 1.95
C THR C 95 19.86 25.52 1.53
N MET C 96 19.58 25.11 0.29
CA MET C 96 20.07 23.85 -0.22
C MET C 96 20.18 23.96 -1.74
N THR C 97 21.32 23.57 -2.28
CA THR C 97 21.55 23.65 -3.72
C THR C 97 21.43 22.26 -4.33
N ILE C 98 20.60 22.13 -5.37
CA ILE C 98 20.39 20.83 -6.00
C ILE C 98 20.72 20.79 -7.48
N GLU C 99 21.46 19.76 -7.88
CA GLU C 99 21.79 19.59 -9.28
C GLU C 99 20.69 18.72 -9.89
N ILE C 100 20.06 19.21 -10.94
CA ILE C 100 18.96 18.47 -11.56
C ILE C 100 19.25 18.06 -12.99
N ASP C 101 18.52 17.04 -13.45
CA ASP C 101 18.66 16.54 -14.79
C ASP C 101 17.52 15.57 -15.01
N PHE C 102 17.14 15.33 -16.26
CA PHE C 102 16.05 14.38 -16.51
C PHE C 102 16.56 13.04 -16.00
N LEU C 103 15.73 12.31 -15.28
CA LEU C 103 16.13 11.02 -14.74
C LEU C 103 16.44 10.02 -15.85
N GLN C 104 15.72 10.15 -16.96
CA GLN C 104 15.90 9.25 -18.09
C GLN C 104 16.53 9.93 -19.31
N LYS C 105 17.46 9.24 -19.97
CA LYS C 105 18.09 9.79 -21.16
C LYS C 105 17.01 9.89 -22.23
N LYS C 106 16.06 8.95 -22.16
CA LYS C 106 14.93 8.91 -23.09
C LYS C 106 14.29 10.28 -23.14
N ASN C 107 13.27 10.52 -22.31
CA ASN C 107 12.63 11.82 -22.27
C ASN C 107 13.70 12.86 -21.97
N ILE C 108 13.79 13.89 -22.81
CA ILE C 108 14.81 14.92 -22.65
C ILE C 108 14.39 16.25 -23.30
N ASP C 109 13.09 16.46 -23.44
CA ASP C 109 12.62 17.69 -24.09
C ASP C 109 13.34 18.98 -23.68
N SER C 110 13.20 20.01 -24.50
CA SER C 110 13.82 21.30 -24.25
C SER C 110 12.89 22.39 -23.70
N ASN C 111 11.74 21.98 -23.17
CA ASN C 111 10.79 22.94 -22.62
C ASN C 111 11.31 23.65 -21.38
N PRO C 112 10.69 24.78 -21.01
CA PRO C 112 11.06 25.59 -19.84
C PRO C 112 10.58 25.03 -18.50
N TYR C 113 11.43 25.15 -17.47
CA TYR C 113 11.10 24.66 -16.14
C TYR C 113 11.33 25.75 -15.10
N ASP C 114 10.24 26.24 -14.52
CA ASP C 114 10.33 27.28 -13.51
C ASP C 114 10.90 26.71 -12.22
N THR C 115 12.16 27.02 -11.94
CA THR C 115 12.82 26.53 -10.72
C THR C 115 12.05 26.99 -9.49
N ASP C 116 11.17 27.96 -9.67
CA ASP C 116 10.39 28.47 -8.55
C ASP C 116 9.23 27.53 -8.27
N LYS C 117 8.65 26.99 -9.34
CA LYS C 117 7.54 26.07 -9.22
C LYS C 117 8.05 24.76 -8.64
N MET C 118 9.19 24.30 -9.15
CA MET C 118 9.81 23.06 -8.70
C MET C 118 10.22 23.16 -7.24
N ALA C 119 10.78 24.30 -6.86
CA ALA C 119 11.21 24.50 -5.48
C ALA C 119 10.04 24.40 -4.53
N ALA C 120 8.92 25.01 -4.91
CA ALA C 120 7.72 25.01 -4.08
C ALA C 120 7.18 23.60 -3.91
N GLU C 121 7.11 22.85 -5.00
CA GLU C 121 6.60 21.49 -4.93
C GLU C 121 7.57 20.60 -4.16
N PHE C 122 8.86 20.85 -4.33
CA PHE C 122 9.89 20.08 -3.64
C PHE C 122 9.64 20.24 -2.14
N ILE C 123 9.53 21.48 -1.69
CA ILE C 123 9.27 21.76 -0.28
C ILE C 123 7.95 21.13 0.18
N GLN C 124 6.97 21.15 -0.71
CA GLN C 124 5.65 20.57 -0.41
C GLN C 124 5.72 19.08 -0.11
N GLN C 125 6.22 18.29 -1.06
CA GLN C 125 6.28 16.86 -0.83
C GLN C 125 7.35 16.37 0.12
N PHE C 126 8.43 17.12 0.29
CA PHE C 126 9.51 16.69 1.16
C PHE C 126 9.61 17.38 2.51
N ASN C 127 8.59 18.16 2.86
CA ASN C 127 8.59 18.85 4.14
C ASN C 127 8.76 17.85 5.27
N ASN C 128 9.62 18.19 6.22
CA ASN C 128 9.90 17.33 7.36
C ASN C 128 10.64 16.03 7.02
N GLN C 129 11.37 16.03 5.91
CA GLN C 129 12.17 14.87 5.53
C GLN C 129 13.63 15.28 5.61
N ALA C 130 14.49 14.30 5.87
CA ALA C 130 15.93 14.56 5.99
C ALA C 130 16.70 14.39 4.69
N PHE C 131 17.62 15.31 4.43
CA PHE C 131 18.46 15.27 3.24
C PHE C 131 19.92 15.49 3.63
N SER C 132 20.82 14.87 2.87
CA SER C 132 22.25 14.99 3.13
C SER C 132 23.02 15.38 1.86
N VAL C 133 24.10 16.14 2.05
CA VAL C 133 24.94 16.56 0.93
C VAL C 133 25.40 15.31 0.19
N GLY C 134 25.22 15.28 -1.13
CA GLY C 134 25.64 14.13 -1.92
C GLY C 134 24.55 13.10 -2.17
N GLN C 135 23.42 13.24 -1.49
CA GLN C 135 22.33 12.29 -1.65
C GLN C 135 21.70 12.42 -3.04
N GLN C 136 21.37 11.29 -3.66
CA GLN C 136 20.75 11.25 -4.99
C GLN C 136 19.27 10.91 -4.83
N LEU C 137 18.39 11.70 -5.43
CA LEU C 137 16.95 11.48 -5.30
C LEU C 137 16.23 11.43 -6.64
N VAL C 138 14.98 10.96 -6.61
CA VAL C 138 14.13 10.87 -7.78
C VAL C 138 13.07 11.96 -7.52
N PHE C 139 12.83 12.82 -8.50
CA PHE C 139 11.86 13.89 -8.32
C PHE C 139 10.84 13.90 -9.44
N SER C 140 9.56 13.76 -9.08
CA SER C 140 8.49 13.77 -10.06
C SER C 140 7.93 15.17 -10.19
N PHE C 141 8.03 15.74 -11.39
CA PHE C 141 7.54 17.07 -11.63
C PHE C 141 6.87 17.15 -12.99
N ASN C 142 5.64 17.67 -13.02
CA ASN C 142 4.88 17.79 -14.25
C ASN C 142 4.80 16.51 -15.05
N ASP C 143 4.65 15.39 -14.35
CA ASP C 143 4.55 14.08 -14.97
C ASP C 143 5.86 13.67 -15.65
N LYS C 144 6.97 14.22 -15.17
CA LYS C 144 8.30 13.89 -15.69
C LYS C 144 9.21 13.56 -14.51
N LEU C 145 10.10 12.59 -14.71
CA LEU C 145 11.02 12.19 -13.65
C LEU C 145 12.39 12.81 -13.81
N PHE C 146 12.90 13.38 -12.72
CA PHE C 146 14.21 14.02 -12.73
C PHE C 146 15.13 13.43 -11.67
N GLY C 147 16.43 13.46 -11.94
CA GLY C 147 17.39 12.96 -10.98
C GLY C 147 17.94 14.16 -10.25
N LEU C 148 18.06 14.06 -8.93
CA LEU C 148 18.57 15.18 -8.16
C LEU C 148 19.78 14.80 -7.34
N LEU C 149 20.73 15.72 -7.22
CA LEU C 149 21.93 15.51 -6.43
C LEU C 149 22.05 16.69 -5.49
N VAL C 150 22.04 16.42 -4.20
CA VAL C 150 22.15 17.48 -3.21
C VAL C 150 23.59 17.95 -3.19
N LYS C 151 23.84 19.18 -3.62
CA LYS C 151 25.19 19.69 -3.65
C LYS C 151 25.62 20.35 -2.35
N ASP C 152 24.74 21.20 -1.82
CA ASP C 152 25.07 21.92 -0.61
C ASP C 152 23.86 22.18 0.29
N ILE C 153 24.12 22.33 1.59
CA ILE C 153 23.08 22.58 2.57
C ILE C 153 23.59 23.53 3.64
N GLU C 154 22.80 24.57 3.94
CA GLU C 154 23.19 25.52 4.98
C GLU C 154 22.07 25.78 5.96
N ALA C 155 22.45 25.96 7.23
CA ALA C 155 21.50 26.25 8.29
C ALA C 155 21.27 27.76 8.34
N MET C 156 20.25 28.18 9.06
CA MET C 156 19.96 29.61 9.20
C MET C 156 20.86 30.22 10.25
N ASP C 157 21.29 31.45 10.04
CA ASP C 157 22.15 32.15 10.99
C ASP C 157 21.36 33.23 11.73
N PRO C 158 21.13 33.03 13.03
CA PRO C 158 20.40 34.01 13.84
C PRO C 158 21.17 35.31 14.07
N GLN C 171 26.65 27.45 9.52
CA GLN C 171 26.38 27.66 8.10
C GLN C 171 26.25 26.35 7.35
N LYS C 172 27.39 25.79 6.92
CA LYS C 172 27.39 24.52 6.18
C LYS C 172 27.05 23.36 7.08
N ILE C 173 26.15 22.50 6.64
CA ILE C 173 25.78 21.32 7.41
C ILE C 173 25.76 20.10 6.49
N GLU C 174 25.97 18.92 7.06
CA GLU C 174 26.03 17.67 6.29
C GLU C 174 24.64 17.11 5.99
N VAL C 175 23.77 17.17 7.00
CA VAL C 175 22.42 16.68 6.86
C VAL C 175 21.48 17.66 7.53
N GLY C 176 20.26 17.77 7.01
CA GLY C 176 19.30 18.67 7.59
C GLY C 176 17.86 18.28 7.31
N LEU C 177 16.94 18.95 8.01
CA LEU C 177 15.52 18.71 7.86
C LEU C 177 14.92 19.81 7.00
N VAL C 178 14.15 19.43 5.99
CA VAL C 178 13.48 20.42 5.16
C VAL C 178 12.31 20.97 5.98
N VAL C 179 12.14 22.28 5.99
CA VAL C 179 11.04 22.89 6.70
C VAL C 179 10.35 23.85 5.76
N GLY C 180 9.21 24.38 6.18
CA GLY C 180 8.42 25.29 5.36
C GLY C 180 9.13 26.45 4.68
N ASN C 181 10.13 27.03 5.32
CA ASN C 181 10.82 28.16 4.72
C ASN C 181 12.20 27.82 4.13
N SER C 182 12.49 26.53 3.95
CA SER C 182 13.77 26.14 3.37
C SER C 182 13.82 26.60 1.92
N GLN C 183 14.96 27.17 1.51
CA GLN C 183 15.13 27.66 0.14
C GLN C 183 15.90 26.65 -0.72
N VAL C 184 15.32 26.31 -1.87
CA VAL C 184 15.98 25.37 -2.76
C VAL C 184 16.39 26.04 -4.06
N ALA C 185 17.66 25.90 -4.41
CA ALA C 185 18.18 26.48 -5.64
C ALA C 185 18.62 25.33 -6.54
N PHE C 186 18.17 25.35 -7.80
CA PHE C 186 18.54 24.30 -8.74
C PHE C 186 19.60 24.77 -9.72
N GLU C 187 20.26 23.80 -10.35
CA GLU C 187 21.28 24.04 -11.36
C GLU C 187 21.43 22.74 -12.13
N LYS C 188 21.24 22.80 -13.45
CA LYS C 188 21.35 21.60 -14.27
C LYS C 188 22.73 20.96 -14.24
N ALA C 189 22.78 19.68 -14.57
CA ALA C 189 24.05 18.96 -14.59
C ALA C 189 24.79 19.37 -15.86
N GLU C 190 26.12 19.22 -15.86
CA GLU C 190 26.91 19.58 -17.03
C GLU C 190 26.40 18.84 -18.26
N ASN C 191 26.29 19.55 -19.37
CA ASN C 191 25.83 18.97 -20.63
C ASN C 191 24.34 18.66 -20.62
N SER C 192 23.62 19.19 -19.63
CA SER C 192 22.19 18.96 -19.53
C SER C 192 21.41 19.91 -20.44
N SER C 193 20.38 19.37 -21.09
CA SER C 193 19.56 20.18 -21.98
C SER C 193 18.37 20.72 -21.19
N LEU C 194 18.59 20.93 -19.89
CA LEU C 194 17.55 21.45 -19.00
C LEU C 194 17.33 22.94 -19.17
N ASN C 195 16.16 23.31 -19.69
CA ASN C 195 15.83 24.71 -19.89
C ASN C 195 15.26 25.30 -18.61
N LEU C 196 16.13 25.56 -17.65
CA LEU C 196 15.70 26.12 -16.37
C LEU C 196 15.39 27.61 -16.47
N ILE C 197 14.47 28.07 -15.63
CA ILE C 197 14.07 29.47 -15.59
C ILE C 197 13.70 29.85 -14.16
N GLY C 198 13.19 31.06 -13.97
CA GLY C 198 12.81 31.49 -12.65
C GLY C 198 13.98 31.97 -11.81
N LYS C 199 13.69 32.47 -10.61
CA LYS C 199 14.72 32.98 -9.70
C LYS C 199 15.19 31.98 -8.65
N ALA C 200 14.94 30.68 -8.87
CA ALA C 200 15.36 29.66 -7.92
C ALA C 200 16.55 28.88 -8.48
N LYS C 201 17.61 29.59 -8.85
CA LYS C 201 18.81 28.96 -9.39
C LYS C 201 20.04 29.34 -8.57
N THR C 202 21.13 28.60 -8.78
CA THR C 202 22.37 28.85 -8.05
C THR C 202 22.88 30.27 -8.29
S SO4 D . -3.80 -13.84 -7.26
O1 SO4 D . -4.42 -13.56 -5.95
O2 SO4 D . -4.02 -15.25 -7.64
O3 SO4 D . -4.38 -12.96 -8.29
O4 SO4 D . -2.34 -13.61 -7.16
S SO4 E . 0.94 -1.26 -3.63
O1 SO4 E . 1.15 -2.33 -2.62
O2 SO4 E . 1.24 -1.77 -4.98
O3 SO4 E . -0.46 -0.82 -3.57
O4 SO4 E . 1.83 -0.13 -3.34
S SO4 F . -11.07 -19.33 -8.86
O1 SO4 F . -10.25 -19.30 -10.08
O2 SO4 F . -11.79 -20.61 -8.76
O3 SO4 F . -10.20 -19.15 -7.69
O4 SO4 F . -12.05 -18.22 -8.91
C1 BME G . -1.66 -12.57 1.43
C2 BME G . -2.84 -12.14 0.55
O1 BME G . -0.58 -11.62 1.61
S2 BME G . -2.87 -10.49 -0.23
C1 BME H . -1.28 -17.67 22.78
C2 BME H . -0.15 -18.18 21.89
O1 BME H . -0.90 -16.75 23.84
S2 BME H . 1.47 -17.51 22.36
S SO4 I . -3.64 5.74 -14.14
O1 SO4 I . -4.19 6.73 -13.19
O2 SO4 I . -4.54 5.62 -15.31
O3 SO4 I . -2.30 6.19 -14.60
O4 SO4 I . -3.52 4.44 -13.47
S SO4 J . -3.65 9.95 -19.22
O1 SO4 J . -2.37 9.64 -18.56
O2 SO4 J . -4.48 8.74 -19.29
O3 SO4 J . -4.36 10.99 -18.45
O4 SO4 J . -3.39 10.45 -20.59
S SO4 K . -10.81 29.63 -11.59
O1 SO4 K . -9.57 30.21 -11.02
O2 SO4 K . -11.35 30.56 -12.60
O3 SO4 K . -10.49 28.34 -12.23
O4 SO4 K . -11.80 29.44 -10.52
C1 BME L . -8.85 5.96 -7.07
C2 BME L . -7.54 6.65 -7.42
O1 BME L . -8.78 4.73 -6.34
S2 BME L . -5.91 5.95 -6.94
C1 BME M . -25.38 12.66 5.78
C2 BME M . -25.65 11.57 4.75
O1 BME M . -25.56 12.28 7.16
S2 BME M . -26.15 9.99 5.50
S SO4 N . 14.52 -2.56 -6.69
O1 SO4 N . 14.43 -2.45 -5.22
O2 SO4 N . 15.95 -2.54 -7.08
O3 SO4 N . 13.90 -3.81 -7.15
O4 SO4 N . 13.83 -1.41 -7.32
S SO4 O . 22.63 -6.26 -5.25
O1 SO4 O . 22.96 -5.05 -4.48
O2 SO4 O . 23.79 -6.67 -6.05
O3 SO4 O . 22.26 -7.35 -4.32
O4 SO4 O . 21.49 -5.97 -6.14
C1 BME P . 12.17 4.30 -1.09
C2 BME P . 12.28 2.78 -0.92
O1 BME P . 10.88 4.84 -1.39
S2 BME P . 10.84 1.65 -1.10
C1 BME Q . 15.58 20.16 13.79
C2 BME Q . 15.62 20.50 12.31
O1 BME Q . 14.53 20.77 14.55
S2 BME Q . 14.30 21.65 11.81
#